data_5N4V
#
_entry.id   5N4V
#
_cell.length_a   98.055
_cell.length_b   98.055
_cell.length_c   80.493
_cell.angle_alpha   90.00
_cell.angle_beta   90.00
_cell.angle_gamma   120.00
#
_symmetry.space_group_name_H-M   'P 65'
#
loop_
_entity.id
_entity.type
_entity.pdbx_description
1 polymer 'Serine/threonine-protein kinase pim-1'
2 polymer Pimtide
3 non-polymer '2-cyclopropyl-4,5-dimethyl-thieno[2,3-d]pyrimidine-6-carboxylic acid'
4 non-polymer GLYCEROL
5 water water
#
loop_
_entity_poly.entity_id
_entity_poly.type
_entity_poly.pdbx_seq_one_letter_code
_entity_poly.pdbx_strand_id
1 'polypeptide(L)'
;MLLSKINSLAHLRAAPCNDLHATKLAPGKEKEPLESQYQVGPLLGSGGFGSVYSGIRVSDNLPVAIKHVEKDRISDWGEL
PNGTRVPMEVVLLKKVSSGFSGVIRLLDWFERPDSFVLILERPEPVQDLFDFITERGALQEELARSFFWQVLEAVRHCHN
CGVLHRDIKDENILIDLNRGELKLIDFGSGALLKDTVYTDFDGTRVYSPPEWIRYHRYHGRSAAVWSLGILLYDMVCGDI
PFEHDEEIIGGQVFFRQRVSSECQHLIRWCLALRPSDRPTFEEIQNHPWMQDVLLPQETAEIHLHSLSPGPSK
;
A
2 'polypeptide(L)' ARKRRRHPSGPPTA D
#
loop_
_chem_comp.id
_chem_comp.type
_chem_comp.name
_chem_comp.formula
8MW non-polymer '2-cyclopropyl-4,5-dimethyl-thieno[2,3-d]pyrimidine-6-carboxylic acid' 'C12 H12 N2 O2 S'
GOL non-polymer GLYCEROL 'C3 H8 O3'
#
# COMPACT_ATOMS: atom_id res chain seq x y z
N PRO A 33 -30.33 3.37 3.09
CA PRO A 33 -30.39 4.07 1.79
C PRO A 33 -29.02 4.53 1.31
N LEU A 34 -28.52 3.90 0.25
CA LEU A 34 -27.18 4.20 -0.26
C LEU A 34 -27.18 5.33 -1.29
N GLU A 35 -28.14 5.31 -2.22
CA GLU A 35 -28.19 6.32 -3.27
C GLU A 35 -28.67 7.68 -2.80
N SER A 36 -29.09 7.81 -1.53
CA SER A 36 -29.53 9.09 -1.01
C SER A 36 -28.53 9.76 -0.08
N GLN A 37 -27.57 9.00 0.46
CA GLN A 37 -26.54 9.59 1.31
C GLN A 37 -25.34 10.11 0.52
N TYR A 38 -25.14 9.65 -0.71
CA TYR A 38 -23.94 9.98 -1.47
C TYR A 38 -24.31 10.36 -2.89
N GLN A 39 -23.75 11.47 -3.35
CA GLN A 39 -23.80 11.82 -4.76
C GLN A 39 -22.62 11.16 -5.47
N VAL A 40 -22.92 10.39 -6.52
CA VAL A 40 -21.93 9.59 -7.21
C VAL A 40 -21.36 10.38 -8.38
N GLY A 41 -20.04 10.38 -8.53
CA GLY A 41 -19.38 11.05 -9.62
C GLY A 41 -18.78 10.08 -10.61
N PRO A 42 -17.70 10.50 -11.27
CA PRO A 42 -17.11 9.66 -12.32
C PRO A 42 -16.36 8.47 -11.75
N LEU A 43 -16.21 7.46 -12.60
CA LEU A 43 -15.36 6.32 -12.29
C LEU A 43 -13.91 6.78 -12.09
N LEU A 44 -13.30 6.40 -10.96
CA LEU A 44 -11.89 6.67 -10.73
C LEU A 44 -10.98 5.56 -11.24
N GLY A 45 -11.42 4.31 -11.15
CA GLY A 45 -10.64 3.21 -11.67
C GLY A 45 -11.39 1.92 -11.45
N SER A 46 -10.93 0.88 -12.15
CA SER A 46 -11.46 -0.46 -11.96
C SER A 46 -10.35 -1.46 -12.24
N GLY A 47 -10.51 -2.66 -11.71
CA GLY A 47 -9.49 -3.68 -11.83
C GLY A 47 -9.76 -4.83 -10.89
N GLY A 48 -8.69 -5.48 -10.45
CA GLY A 48 -8.84 -6.61 -9.54
C GLY A 48 -9.57 -6.27 -8.27
N PHE A 49 -9.54 -5.01 -7.86
CA PHE A 49 -10.20 -4.57 -6.63
C PHE A 49 -11.70 -4.33 -6.80
N GLY A 50 -12.22 -4.28 -8.03
CA GLY A 50 -13.60 -3.90 -8.29
C GLY A 50 -13.66 -2.62 -9.12
N SER A 51 -14.67 -1.80 -8.82
CA SER A 51 -14.84 -0.52 -9.49
C SER A 51 -15.01 0.57 -8.43
N VAL A 52 -14.28 1.67 -8.57
CA VAL A 52 -14.26 2.74 -7.58
C VAL A 52 -14.69 4.04 -8.25
N TYR A 53 -15.69 4.70 -7.65
CA TYR A 53 -16.24 5.96 -8.13
C TYR A 53 -15.89 7.09 -7.18
N SER A 54 -15.69 8.27 -7.73
CA SER A 54 -15.63 9.45 -6.90
C SER A 54 -17.01 9.77 -6.36
N GLY A 55 -17.07 10.27 -5.13
CA GLY A 55 -18.36 10.57 -4.53
C GLY A 55 -18.24 11.72 -3.57
N ILE A 56 -19.40 12.18 -3.10
CA ILE A 56 -19.48 13.23 -2.09
C ILE A 56 -20.63 12.87 -1.16
N ARG A 57 -20.34 12.83 0.15
CA ARG A 57 -21.38 12.56 1.14
C ARG A 57 -22.31 13.77 1.25
N VAL A 58 -23.60 13.54 1.02
CA VAL A 58 -24.55 14.63 0.86
C VAL A 58 -24.64 15.47 2.13
N SER A 59 -24.55 14.83 3.30
CA SER A 59 -24.82 15.54 4.56
C SER A 59 -23.84 16.69 4.79
N ASP A 60 -22.54 16.45 4.59
CA ASP A 60 -21.52 17.44 4.88
C ASP A 60 -20.56 17.71 3.73
N ASN A 61 -20.87 17.26 2.52
CA ASN A 61 -20.04 17.46 1.32
C ASN A 61 -18.67 16.80 1.44
N LEU A 62 -18.51 15.80 2.28
CA LEU A 62 -17.20 15.17 2.44
C LEU A 62 -16.84 14.38 1.19
N PRO A 63 -15.65 14.57 0.62
CA PRO A 63 -15.24 13.75 -0.52
C PRO A 63 -15.05 12.29 -0.10
N VAL A 64 -15.58 11.37 -0.90
CA VAL A 64 -15.45 9.94 -0.63
C VAL A 64 -15.12 9.20 -1.91
N ALA A 65 -14.65 7.97 -1.74
CA ALA A 65 -14.49 7.03 -2.84
C ALA A 65 -15.43 5.87 -2.58
N ILE A 66 -16.15 5.46 -3.61
CA ILE A 66 -17.23 4.47 -3.48
C ILE A 66 -16.78 3.23 -4.23
N LYS A 67 -16.51 2.15 -3.50
CA LYS A 67 -15.89 0.97 -4.06
C LYS A 67 -16.90 -0.17 -4.12
N HIS A 68 -17.11 -0.71 -5.31
CA HIS A 68 -18.01 -1.84 -5.53
C HIS A 68 -17.21 -3.11 -5.74
N VAL A 69 -17.56 -4.16 -5.01
CA VAL A 69 -16.90 -5.46 -5.11
C VAL A 69 -17.96 -6.52 -5.35
N GLU A 70 -17.82 -7.26 -6.45
CA GLU A 70 -18.78 -8.32 -6.75
C GLU A 70 -18.59 -9.50 -5.79
N LYS A 71 -19.72 -10.01 -5.29
CA LYS A 71 -19.68 -11.10 -4.31
C LYS A 71 -18.98 -12.34 -4.86
N ASP A 72 -19.17 -12.63 -6.14
CA ASP A 72 -18.56 -13.82 -6.74
C ASP A 72 -17.04 -13.74 -6.81
N ARG A 73 -16.45 -12.56 -6.63
CA ARG A 73 -15.01 -12.39 -6.72
C ARG A 73 -14.33 -12.35 -5.37
N ILE A 74 -15.09 -12.41 -4.29
CA ILE A 74 -14.52 -12.29 -2.94
C ILE A 74 -14.01 -13.67 -2.52
N SER A 75 -12.70 -13.75 -2.26
CA SER A 75 -12.08 -15.02 -1.91
C SER A 75 -12.24 -15.33 -0.42
N ASP A 76 -11.92 -14.36 0.45
CA ASP A 76 -11.96 -14.56 1.88
C ASP A 76 -13.11 -13.78 2.49
N TRP A 77 -13.86 -14.43 3.36
CA TRP A 77 -14.98 -13.83 4.08
C TRP A 77 -14.68 -13.81 5.57
N GLY A 78 -15.27 -12.83 6.26
CA GLY A 78 -15.15 -12.74 7.70
C GLY A 78 -16.50 -12.48 8.33
N GLU A 79 -16.49 -12.42 9.65
CA GLU A 79 -17.68 -12.10 10.43
C GLU A 79 -17.38 -10.92 11.32
N LEU A 80 -18.31 -9.98 11.39
CA LEU A 80 -18.16 -8.82 12.26
C LEU A 80 -18.40 -9.24 13.71
N PRO A 81 -18.69 -8.31 14.60
CA PRO A 81 -19.09 -8.71 15.95
C PRO A 81 -20.38 -9.51 15.91
N ASN A 82 -21.39 -8.95 15.24
CA ASN A 82 -22.73 -9.53 15.24
C ASN A 82 -22.79 -10.75 14.35
N GLY A 83 -21.62 -11.24 13.92
CA GLY A 83 -21.56 -12.41 13.07
C GLY A 83 -22.10 -12.22 11.67
N THR A 84 -22.32 -10.98 11.25
CA THR A 84 -22.70 -10.72 9.87
C THR A 84 -21.53 -11.02 8.94
N ARG A 85 -21.79 -11.82 7.91
CA ARG A 85 -20.74 -12.24 6.99
C ARG A 85 -20.41 -11.11 6.02
N VAL A 86 -19.16 -10.65 6.05
CA VAL A 86 -18.70 -9.57 5.19
C VAL A 86 -17.40 -10.02 4.53
N PRO A 87 -17.02 -9.41 3.41
CA PRO A 87 -15.67 -9.63 2.87
C PRO A 87 -14.64 -9.38 3.95
N MET A 88 -13.55 -10.15 3.92
CA MET A 88 -12.45 -9.91 4.84
C MET A 88 -11.95 -8.46 4.73
N GLU A 89 -12.00 -7.88 3.53
CA GLU A 89 -11.53 -6.51 3.36
C GLU A 89 -12.27 -5.57 4.30
N VAL A 90 -13.57 -5.82 4.52
CA VAL A 90 -14.31 -5.00 5.48
C VAL A 90 -13.79 -5.22 6.89
N VAL A 91 -13.51 -6.48 7.26
CA VAL A 91 -12.98 -6.79 8.59
C VAL A 91 -11.65 -6.07 8.80
N LEU A 92 -10.77 -6.13 7.80
CA LEU A 92 -9.44 -5.54 7.95
C LEU A 92 -9.52 -4.02 8.03
N LEU A 93 -10.34 -3.41 7.17
CA LEU A 93 -10.49 -1.95 7.21
C LEU A 93 -11.02 -1.48 8.57
N LYS A 94 -11.98 -2.22 9.14
CA LYS A 94 -12.49 -1.86 10.46
C LYS A 94 -11.40 -1.98 11.52
N LYS A 95 -10.54 -3.00 11.41
CA LYS A 95 -9.48 -3.17 12.40
C LYS A 95 -8.49 -2.02 12.38
N VAL A 96 -8.21 -1.43 11.21
CA VAL A 96 -7.22 -0.36 11.12
C VAL A 96 -7.83 1.04 11.16
N SER A 97 -9.15 1.16 11.19
CA SER A 97 -9.77 2.48 11.20
C SER A 97 -9.51 3.19 12.53
N SER A 98 -9.17 4.47 12.46
CA SER A 98 -8.92 5.31 13.63
C SER A 98 -8.55 6.72 13.20
N GLY A 99 -8.13 7.55 14.15
CA GLY A 99 -7.71 8.90 13.82
C GLY A 99 -6.44 8.98 13.02
N PHE A 100 -5.58 7.96 13.09
CA PHE A 100 -4.33 7.96 12.35
C PHE A 100 -4.60 7.97 10.86
N SER A 101 -4.12 9.01 10.17
CA SER A 101 -4.48 9.24 8.78
C SER A 101 -3.63 8.45 7.80
N GLY A 102 -2.68 7.61 8.25
CA GLY A 102 -1.80 6.95 7.29
C GLY A 102 -2.42 5.78 6.56
N VAL A 103 -3.62 5.36 6.96
N VAL A 103 -3.59 5.32 6.98
CA VAL A 103 -4.32 4.24 6.35
CA VAL A 103 -4.31 4.26 6.29
C VAL A 103 -5.71 4.72 5.95
C VAL A 103 -5.68 4.78 5.91
N ILE A 104 -6.18 4.29 4.77
CA ILE A 104 -7.50 4.71 4.30
C ILE A 104 -8.57 4.34 5.33
N ARG A 105 -9.52 5.24 5.52
CA ARG A 105 -10.57 5.09 6.52
C ARG A 105 -11.85 4.59 5.84
N LEU A 106 -12.36 3.46 6.31
CA LEU A 106 -13.68 3.00 5.88
C LEU A 106 -14.75 3.77 6.65
N LEU A 107 -15.57 4.55 5.94
CA LEU A 107 -16.61 5.34 6.60
C LEU A 107 -17.92 4.59 6.77
N ASP A 108 -18.26 3.71 5.83
CA ASP A 108 -19.52 2.97 5.87
C ASP A 108 -19.42 1.86 4.84
N TRP A 109 -20.39 0.95 4.87
CA TRP A 109 -20.47 -0.10 3.86
C TRP A 109 -21.91 -0.59 3.79
N PHE A 110 -22.25 -1.16 2.63
CA PHE A 110 -23.60 -1.66 2.38
C PHE A 110 -23.50 -2.99 1.66
N GLU A 111 -24.48 -3.85 1.87
CA GLU A 111 -24.60 -5.09 1.12
C GLU A 111 -25.74 -4.98 0.11
N ARG A 112 -25.47 -5.42 -1.11
CA ARG A 112 -26.41 -5.44 -2.20
C ARG A 112 -26.61 -6.89 -2.61
N PRO A 113 -27.59 -7.22 -3.47
CA PRO A 113 -27.79 -8.63 -3.83
C PRO A 113 -26.53 -9.32 -4.33
N ASP A 114 -25.76 -8.68 -5.20
CA ASP A 114 -24.61 -9.35 -5.81
C ASP A 114 -23.29 -8.63 -5.52
N SER A 115 -23.27 -7.66 -4.63
CA SER A 115 -22.05 -6.89 -4.39
C SER A 115 -22.06 -6.32 -2.99
N PHE A 116 -20.87 -5.91 -2.55
CA PHE A 116 -20.71 -5.04 -1.40
C PHE A 116 -20.24 -3.68 -1.89
N VAL A 117 -20.65 -2.63 -1.18
CA VAL A 117 -20.25 -1.26 -1.51
C VAL A 117 -19.56 -0.69 -0.28
N LEU A 118 -18.31 -0.26 -0.45
CA LEU A 118 -17.50 0.32 0.62
C LEU A 118 -17.39 1.82 0.40
N ILE A 119 -17.67 2.61 1.43
CA ILE A 119 -17.50 4.05 1.39
C ILE A 119 -16.18 4.39 2.07
N LEU A 120 -15.23 4.89 1.30
CA LEU A 120 -13.89 5.19 1.77
C LEU A 120 -13.63 6.69 1.71
N GLU A 121 -12.82 7.19 2.63
CA GLU A 121 -12.44 8.59 2.55
C GLU A 121 -11.67 8.84 1.26
N ARG A 122 -11.69 10.09 0.80
CA ARG A 122 -10.99 10.46 -0.42
C ARG A 122 -10.21 11.75 -0.17
N PRO A 123 -8.89 11.70 -0.13
CA PRO A 123 -8.10 12.93 -0.05
C PRO A 123 -8.30 13.77 -1.30
N GLU A 124 -8.26 15.09 -1.13
CA GLU A 124 -8.41 16.00 -2.25
C GLU A 124 -7.71 17.33 -1.93
N PRO A 125 -6.72 17.72 -2.75
CA PRO A 125 -6.27 17.08 -3.98
C PRO A 125 -5.32 15.90 -3.73
N VAL A 126 -5.27 14.96 -4.67
CA VAL A 126 -4.59 13.69 -4.45
C VAL A 126 -3.93 13.26 -5.75
N GLN A 127 -2.84 12.51 -5.63
CA GLN A 127 -2.24 11.76 -6.72
C GLN A 127 -1.64 10.49 -6.13
N ASP A 128 -1.79 9.37 -6.84
CA ASP A 128 -1.18 8.19 -6.26
C ASP A 128 0.31 8.22 -6.56
N LEU A 129 1.05 7.42 -5.79
CA LEU A 129 2.51 7.46 -5.87
C LEU A 129 3.04 6.89 -7.17
N PHE A 130 2.30 5.98 -7.81
CA PHE A 130 2.73 5.50 -9.11
C PHE A 130 2.75 6.64 -10.13
N ASP A 131 1.65 7.38 -10.23
CA ASP A 131 1.59 8.48 -11.21
C ASP A 131 2.59 9.57 -10.87
N PHE A 132 2.77 9.83 -9.57
CA PHE A 132 3.73 10.84 -9.11
C PHE A 132 5.14 10.50 -9.57
N ILE A 133 5.55 9.24 -9.41
CA ILE A 133 6.90 8.83 -9.80
C ILE A 133 7.03 8.82 -11.33
N THR A 134 5.98 8.41 -12.04
CA THR A 134 6.00 8.49 -13.49
C THR A 134 6.25 9.93 -13.95
N GLU A 135 5.56 10.90 -13.36
CA GLU A 135 5.66 12.27 -13.82
C GLU A 135 6.97 12.93 -13.37
N ARG A 136 7.43 12.63 -12.16
CA ARG A 136 8.61 13.26 -11.59
C ARG A 136 9.90 12.52 -11.87
N GLY A 137 9.83 11.24 -12.21
CA GLY A 137 11.04 10.44 -12.31
C GLY A 137 11.53 10.06 -10.93
N ALA A 138 12.79 9.63 -10.86
CA ALA A 138 13.37 9.24 -9.58
C ALA A 138 13.33 10.41 -8.60
N LEU A 139 12.98 10.12 -7.35
CA LEU A 139 12.79 11.14 -6.33
C LEU A 139 14.09 11.47 -5.61
N GLN A 140 14.27 12.76 -5.30
CA GLN A 140 15.35 13.17 -4.41
C GLN A 140 15.27 12.37 -3.12
N GLU A 141 16.43 12.01 -2.57
CA GLU A 141 16.42 11.09 -1.43
C GLU A 141 15.70 11.70 -0.22
N GLU A 142 15.77 13.01 -0.05
CA GLU A 142 15.02 13.66 1.02
C GLU A 142 13.52 13.39 0.91
N LEU A 143 13.00 13.41 -0.31
CA LEU A 143 11.58 13.18 -0.50
C LEU A 143 11.24 11.70 -0.39
N ALA A 144 12.09 10.83 -0.94
CA ALA A 144 11.91 9.39 -0.78
C ALA A 144 11.94 9.02 0.69
N ARG A 145 12.84 9.65 1.46
CA ARG A 145 12.94 9.36 2.90
C ARG A 145 11.64 9.71 3.62
N SER A 146 11.09 10.89 3.32
CA SER A 146 9.83 11.31 3.94
C SER A 146 8.70 10.35 3.56
N PHE A 147 8.57 10.05 2.27
CA PHE A 147 7.52 9.13 1.83
C PHE A 147 7.69 7.75 2.45
N PHE A 148 8.90 7.21 2.39
CA PHE A 148 9.14 5.85 2.89
C PHE A 148 8.87 5.77 4.38
N TRP A 149 9.31 6.78 5.13
CA TRP A 149 9.01 6.81 6.58
C TRP A 149 7.51 6.74 6.84
N GLN A 150 6.73 7.56 6.15
CA GLN A 150 5.27 7.55 6.36
C GLN A 150 4.68 6.20 6.00
N VAL A 151 5.17 5.56 4.94
CA VAL A 151 4.67 4.23 4.60
C VAL A 151 5.01 3.23 5.72
N LEU A 152 6.23 3.31 6.26
CA LEU A 152 6.59 2.42 7.37
C LEU A 152 5.66 2.63 8.55
N GLU A 153 5.35 3.88 8.88
CA GLU A 153 4.45 4.11 10.02
C GLU A 153 3.06 3.57 9.74
N ALA A 154 2.60 3.69 8.48
CA ALA A 154 1.29 3.15 8.12
C ALA A 154 1.27 1.63 8.22
N VAL A 155 2.31 0.97 7.72
CA VAL A 155 2.37 -0.49 7.78
C VAL A 155 2.54 -0.96 9.24
N ARG A 156 3.35 -0.25 10.03
CA ARG A 156 3.40 -0.58 11.46
C ARG A 156 2.02 -0.53 12.09
N HIS A 157 1.23 0.48 11.72
CA HIS A 157 -0.11 0.61 12.27
C HIS A 157 -0.96 -0.60 11.92
N CYS A 158 -0.95 -1.00 10.64
CA CYS A 158 -1.65 -2.21 10.23
C CYS A 158 -1.25 -3.40 11.10
N HIS A 159 0.06 -3.64 11.22
CA HIS A 159 0.51 -4.81 11.96
C HIS A 159 0.13 -4.71 13.43
N ASN A 160 0.22 -3.50 13.99
CA ASN A 160 -0.24 -3.27 15.38
C ASN A 160 -1.70 -3.64 15.57
N CYS A 161 -2.51 -3.42 14.54
CA CYS A 161 -3.93 -3.73 14.55
C CYS A 161 -4.23 -5.15 14.09
N GLY A 162 -3.20 -5.96 13.87
CA GLY A 162 -3.41 -7.35 13.49
C GLY A 162 -3.74 -7.56 12.02
N VAL A 163 -3.32 -6.65 11.15
CA VAL A 163 -3.67 -6.68 9.74
C VAL A 163 -2.41 -6.70 8.89
N LEU A 164 -2.38 -7.62 7.93
CA LEU A 164 -1.30 -7.72 6.95
C LEU A 164 -1.84 -7.27 5.60
N HIS A 165 -1.22 -6.25 5.01
CA HIS A 165 -1.79 -5.65 3.80
C HIS A 165 -1.60 -6.52 2.57
N ARG A 166 -0.38 -7.03 2.37
CA ARG A 166 0.01 -7.95 1.29
C ARG A 166 -0.01 -7.34 -0.11
N ASP A 167 -0.18 -6.04 -0.25
CA ASP A 167 -0.09 -5.46 -1.60
C ASP A 167 0.47 -4.06 -1.53
N ILE A 168 1.52 -3.89 -0.72
CA ILE A 168 2.23 -2.62 -0.66
C ILE A 168 2.91 -2.38 -2.00
N LYS A 169 2.56 -1.25 -2.64
CA LYS A 169 3.17 -0.83 -3.90
C LYS A 169 2.83 0.62 -4.14
N ASP A 170 3.54 1.26 -5.09
CA ASP A 170 3.32 2.68 -5.27
C ASP A 170 1.89 2.97 -5.71
N GLU A 171 1.27 2.05 -6.49
CA GLU A 171 -0.12 2.21 -6.92
C GLU A 171 -1.08 2.31 -5.74
N ASN A 172 -0.73 1.69 -4.62
CA ASN A 172 -1.63 1.63 -3.47
C ASN A 172 -1.27 2.64 -2.40
N ILE A 173 -0.63 3.75 -2.79
N ILE A 173 -0.58 3.72 -2.79
CA ILE A 173 -0.25 4.82 -1.88
CA ILE A 173 -0.24 4.83 -1.90
C ILE A 173 -0.73 6.14 -2.44
C ILE A 173 -0.82 6.10 -2.50
N LEU A 174 -1.61 6.83 -1.71
CA LEU A 174 -2.14 8.12 -2.12
C LEU A 174 -1.36 9.24 -1.45
N ILE A 175 -1.06 10.28 -2.20
CA ILE A 175 -0.40 11.48 -1.68
C ILE A 175 -1.43 12.59 -1.54
N ASP A 176 -1.65 13.04 -0.31
CA ASP A 176 -2.39 14.27 -0.06
C ASP A 176 -1.45 15.42 -0.40
N LEU A 177 -1.68 16.07 -1.54
CA LEU A 177 -0.72 17.04 -2.07
C LEU A 177 -0.72 18.34 -1.27
N ASN A 178 -1.77 18.66 -0.53
CA ASN A 178 -1.75 19.85 0.31
C ASN A 178 -1.05 19.58 1.64
N ARG A 179 -1.32 18.43 2.25
CA ARG A 179 -0.82 18.15 3.59
C ARG A 179 0.50 17.36 3.59
N GLY A 180 0.91 16.80 2.46
CA GLY A 180 2.11 16.00 2.43
C GLY A 180 2.00 14.70 3.19
N GLU A 181 0.78 14.18 3.36
CA GLU A 181 0.54 12.94 4.06
C GLU A 181 0.19 11.83 3.08
N LEU A 182 0.79 10.66 3.28
CA LEU A 182 0.55 9.47 2.48
C LEU A 182 -0.49 8.58 3.13
N LYS A 183 -1.29 7.91 2.29
CA LYS A 183 -2.33 6.99 2.73
C LYS A 183 -2.20 5.64 2.02
N LEU A 184 -2.11 4.56 2.79
CA LEU A 184 -2.11 3.22 2.22
C LEU A 184 -3.55 2.80 1.90
N ILE A 185 -3.79 2.35 0.66
CA ILE A 185 -5.14 1.99 0.23
C ILE A 185 -5.20 0.56 -0.27
N ASP A 186 -6.42 0.11 -0.62
CA ASP A 186 -6.73 -1.19 -1.21
C ASP A 186 -6.26 -2.37 -0.37
N PHE A 187 -7.06 -2.68 0.65
CA PHE A 187 -6.84 -3.82 1.52
C PHE A 187 -7.46 -5.10 0.97
N GLY A 188 -7.81 -5.13 -0.31
CA GLY A 188 -8.48 -6.27 -0.93
C GLY A 188 -7.65 -7.53 -1.05
N SER A 189 -6.34 -7.45 -0.86
CA SER A 189 -5.49 -8.64 -0.88
C SER A 189 -5.03 -9.04 0.51
N GLY A 190 -5.48 -8.33 1.54
CA GLY A 190 -4.94 -8.46 2.86
C GLY A 190 -5.41 -9.70 3.59
N ALA A 191 -4.85 -9.88 4.78
CA ALA A 191 -5.23 -11.01 5.63
C ALA A 191 -5.07 -10.57 7.07
N LEU A 192 -5.67 -11.34 7.98
CA LEU A 192 -5.31 -11.21 9.37
C LEU A 192 -3.84 -11.56 9.52
N LEU A 193 -3.12 -10.76 10.32
CA LEU A 193 -1.72 -11.05 10.57
C LEU A 193 -1.58 -12.27 11.46
N LYS A 194 -0.69 -13.18 11.11
CA LYS A 194 -0.41 -14.37 11.92
C LYS A 194 1.08 -14.63 11.89
N ASP A 195 1.56 -15.49 12.81
CA ASP A 195 2.98 -15.81 12.90
C ASP A 195 3.36 -17.10 12.19
N THR A 196 2.38 -17.86 11.68
CA THR A 196 2.63 -19.08 10.92
C THR A 196 2.72 -18.75 9.43
N VAL A 197 3.01 -19.77 8.61
CA VAL A 197 3.31 -19.54 7.19
C VAL A 197 2.03 -19.23 6.41
N TYR A 198 2.16 -18.36 5.42
CA TYR A 198 1.12 -18.14 4.42
C TYR A 198 1.44 -18.96 3.16
N THR A 199 0.42 -19.64 2.62
CA THR A 199 0.58 -20.43 1.41
C THR A 199 -0.34 -19.96 0.29
N ASP A 200 -1.04 -18.85 0.49
CA ASP A 200 -1.89 -18.23 -0.52
C ASP A 200 -1.43 -16.79 -0.71
N PHE A 201 -1.62 -16.25 -1.92
CA PHE A 201 -1.21 -14.88 -2.18
C PHE A 201 -1.92 -14.37 -3.42
N ASP A 202 -2.50 -13.17 -3.33
CA ASP A 202 -3.16 -12.56 -4.48
C ASP A 202 -2.78 -11.09 -4.65
N GLY A 203 -1.66 -10.65 -4.06
CA GLY A 203 -1.15 -9.32 -4.29
C GLY A 203 -0.39 -9.23 -5.61
N THR A 204 0.50 -8.24 -5.70
CA THR A 204 1.20 -7.94 -6.94
C THR A 204 2.50 -8.73 -7.04
N ARG A 205 2.64 -9.52 -8.11
CA ARG A 205 3.73 -10.49 -8.17
C ARG A 205 5.11 -9.81 -8.20
N VAL A 206 5.26 -8.68 -8.89
CA VAL A 206 6.58 -8.06 -8.97
C VAL A 206 7.01 -7.41 -7.66
N TYR A 207 6.11 -7.34 -6.66
CA TYR A 207 6.47 -6.92 -5.31
C TYR A 207 6.54 -8.09 -4.33
N SER A 208 6.27 -9.32 -4.81
CA SER A 208 6.25 -10.50 -3.94
C SER A 208 7.67 -11.05 -3.78
N PRO A 209 7.94 -11.76 -2.68
CA PRO A 209 9.32 -12.09 -2.33
C PRO A 209 9.76 -13.39 -2.97
N PRO A 210 11.06 -13.68 -3.02
CA PRO A 210 11.52 -14.87 -3.72
C PRO A 210 11.03 -16.17 -3.10
N GLU A 211 10.78 -16.20 -1.79
CA GLU A 211 10.25 -17.42 -1.19
C GLU A 211 8.84 -17.71 -1.69
N TRP A 212 8.06 -16.68 -2.03
CA TRP A 212 6.77 -16.93 -2.66
C TRP A 212 6.95 -17.47 -4.07
N ILE A 213 7.84 -16.85 -4.85
CA ILE A 213 8.10 -17.32 -6.22
C ILE A 213 8.56 -18.78 -6.20
N ARG A 214 9.54 -19.08 -5.34
CA ARG A 214 10.20 -20.39 -5.34
C ARG A 214 9.33 -21.48 -4.72
N TYR A 215 8.73 -21.21 -3.55
CA TYR A 215 8.12 -22.26 -2.74
C TYR A 215 6.65 -22.05 -2.44
N HIS A 216 6.06 -20.94 -2.88
CA HIS A 216 4.67 -20.62 -2.55
C HIS A 216 4.47 -20.59 -1.03
N ARG A 217 5.47 -20.09 -0.32
CA ARG A 217 5.42 -19.95 1.13
C ARG A 217 6.07 -18.64 1.53
N TYR A 218 5.47 -17.92 2.48
CA TYR A 218 6.09 -16.73 3.03
C TYR A 218 5.54 -16.47 4.42
N HIS A 219 6.29 -15.69 5.18
CA HIS A 219 5.81 -15.19 6.46
C HIS A 219 5.51 -13.70 6.32
N GLY A 220 4.56 -13.21 7.13
CA GLY A 220 3.95 -11.93 6.81
C GLY A 220 4.89 -10.75 6.89
N ARG A 221 5.61 -10.62 8.01
N ARG A 221 5.60 -10.63 8.01
CA ARG A 221 6.42 -9.42 8.21
CA ARG A 221 6.43 -9.45 8.23
C ARG A 221 7.62 -9.39 7.27
C ARG A 221 7.60 -9.40 7.25
N SER A 222 8.30 -10.52 7.08
CA SER A 222 9.46 -10.50 6.20
C SER A 222 9.05 -10.34 4.75
N ALA A 223 7.87 -10.84 4.36
CA ALA A 223 7.38 -10.57 3.01
C ALA A 223 7.03 -9.09 2.84
N ALA A 224 6.42 -8.47 3.85
CA ALA A 224 6.14 -7.04 3.76
C ALA A 224 7.43 -6.23 3.62
N VAL A 225 8.49 -6.61 4.34
CA VAL A 225 9.76 -5.89 4.25
C VAL A 225 10.33 -5.98 2.84
N TRP A 226 10.22 -7.16 2.21
CA TRP A 226 10.65 -7.28 0.82
C TRP A 226 9.89 -6.29 -0.07
N SER A 227 8.57 -6.23 0.04
CA SER A 227 7.83 -5.30 -0.82
C SER A 227 8.23 -3.86 -0.54
N LEU A 228 8.62 -3.55 0.70
CA LEU A 228 9.08 -2.21 1.03
C LEU A 228 10.43 -1.90 0.39
N GLY A 229 11.31 -2.90 0.29
CA GLY A 229 12.55 -2.69 -0.45
C GLY A 229 12.30 -2.42 -1.93
N ILE A 230 11.35 -3.16 -2.54
CA ILE A 230 10.95 -2.88 -3.91
C ILE A 230 10.46 -1.45 -4.02
N LEU A 231 9.60 -1.05 -3.08
CA LEU A 231 9.05 0.30 -3.10
C LEU A 231 10.13 1.38 -2.97
N LEU A 232 11.11 1.16 -2.08
CA LEU A 232 12.12 2.20 -1.87
C LEU A 232 13.01 2.32 -3.11
N TYR A 233 13.38 1.19 -3.70
CA TYR A 233 14.09 1.23 -4.99
C TYR A 233 13.27 2.01 -6.03
N ASP A 234 12.00 1.66 -6.17
CA ASP A 234 11.07 2.39 -7.05
C ASP A 234 11.14 3.90 -6.84
N MET A 235 11.10 4.35 -5.58
CA MET A 235 11.14 5.79 -5.30
C MET A 235 12.45 6.42 -5.77
N VAL A 236 13.60 5.80 -5.44
CA VAL A 236 14.87 6.49 -5.69
C VAL A 236 15.45 6.19 -7.06
N CYS A 237 14.92 5.21 -7.78
CA CYS A 237 15.40 4.90 -9.12
C CYS A 237 14.39 5.22 -10.22
N GLY A 238 13.12 5.44 -9.88
CA GLY A 238 12.12 5.79 -10.85
C GLY A 238 11.32 4.64 -11.41
N ASP A 239 11.71 3.39 -11.12
CA ASP A 239 10.89 2.23 -11.44
C ASP A 239 11.36 1.07 -10.56
N ILE A 240 10.55 0.02 -10.51
CA ILE A 240 10.87 -1.14 -9.69
C ILE A 240 12.09 -1.86 -10.26
N PRO A 241 12.83 -2.65 -9.46
CA PRO A 241 14.03 -3.31 -9.97
C PRO A 241 13.79 -4.56 -10.80
N PHE A 242 12.71 -5.29 -10.51
CA PHE A 242 12.50 -6.61 -11.09
C PHE A 242 11.17 -6.64 -11.82
N GLU A 243 11.16 -7.24 -13.01
CA GLU A 243 9.94 -7.52 -13.74
C GLU A 243 9.66 -9.02 -13.89
N HIS A 244 10.68 -9.87 -13.83
CA HIS A 244 10.55 -11.28 -14.13
C HIS A 244 10.93 -12.12 -12.91
N ASP A 245 10.34 -13.32 -12.84
CA ASP A 245 10.62 -14.25 -11.75
C ASP A 245 12.12 -14.45 -11.56
N GLU A 246 12.87 -14.58 -12.66
CA GLU A 246 14.29 -14.87 -12.55
C GLU A 246 15.04 -13.75 -11.85
N GLU A 247 14.62 -12.49 -12.07
CA GLU A 247 15.26 -11.37 -11.39
C GLU A 247 14.89 -11.35 -9.91
N ILE A 248 13.63 -11.66 -9.59
CA ILE A 248 13.20 -11.66 -8.19
C ILE A 248 14.04 -12.64 -7.38
N ILE A 249 14.24 -13.85 -7.91
CA ILE A 249 14.98 -14.86 -7.16
C ILE A 249 16.48 -14.74 -7.35
N GLY A 250 16.95 -13.93 -8.31
CA GLY A 250 18.36 -13.93 -8.67
C GLY A 250 19.28 -13.31 -7.63
N GLY A 251 18.80 -12.34 -6.88
CA GLY A 251 19.61 -11.79 -5.80
C GLY A 251 20.57 -10.67 -6.19
N GLN A 252 20.38 -10.03 -7.35
CA GLN A 252 21.22 -8.93 -7.78
C GLN A 252 20.40 -7.66 -7.89
N VAL A 253 20.87 -6.59 -7.24
CA VAL A 253 20.21 -5.30 -7.28
C VAL A 253 21.17 -4.34 -7.99
N PHE A 254 20.86 -4.03 -9.26
CA PHE A 254 21.59 -3.04 -10.03
C PHE A 254 20.91 -1.69 -9.89
N PHE A 255 21.68 -0.64 -9.61
CA PHE A 255 21.12 0.70 -9.43
C PHE A 255 21.25 1.49 -10.72
N ARG A 256 20.10 1.89 -11.28
CA ARG A 256 20.06 2.60 -12.56
C ARG A 256 20.15 4.11 -12.40
N GLN A 257 20.14 4.60 -11.17
CA GLN A 257 20.22 6.02 -10.87
C GLN A 257 21.30 6.17 -9.81
N ARG A 258 21.83 7.39 -9.69
CA ARG A 258 22.75 7.68 -8.59
C ARG A 258 21.99 7.61 -7.29
N VAL A 259 22.38 6.70 -6.40
CA VAL A 259 21.77 6.52 -5.08
C VAL A 259 22.88 6.44 -4.05
N SER A 260 22.70 7.12 -2.91
CA SER A 260 23.74 7.12 -1.88
C SER A 260 24.02 5.71 -1.39
N SER A 261 25.24 5.49 -0.90
CA SER A 261 25.61 4.17 -0.39
C SER A 261 24.72 3.76 0.78
N GLU A 262 24.32 4.72 1.62
CA GLU A 262 23.45 4.39 2.74
C GLU A 262 22.09 3.90 2.25
N CYS A 263 21.51 4.61 1.27
CA CYS A 263 20.22 4.17 0.75
C CYS A 263 20.35 2.81 0.06
N GLN A 264 21.40 2.62 -0.75
CA GLN A 264 21.63 1.32 -1.38
C GLN A 264 21.72 0.21 -0.35
N HIS A 265 22.39 0.47 0.78
CA HIS A 265 22.54 -0.57 1.79
C HIS A 265 21.18 -0.96 2.37
N LEU A 266 20.34 0.02 2.67
CA LEU A 266 19.03 -0.28 3.22
C LEU A 266 18.20 -1.07 2.22
N ILE A 267 18.21 -0.68 0.95
CA ILE A 267 17.46 -1.40 -0.06
C ILE A 267 17.92 -2.85 -0.16
N ARG A 268 19.23 -3.05 -0.28
CA ARG A 268 19.76 -4.41 -0.44
C ARG A 268 19.48 -5.25 0.80
N TRP A 269 19.41 -4.62 1.98
CA TRP A 269 19.06 -5.35 3.20
C TRP A 269 17.60 -5.79 3.16
N CYS A 270 16.69 -4.89 2.79
CA CYS A 270 15.28 -5.25 2.62
C CYS A 270 15.09 -6.33 1.56
N LEU A 271 15.96 -6.35 0.54
CA LEU A 271 15.85 -7.34 -0.53
C LEU A 271 16.77 -8.53 -0.32
N ALA A 272 17.12 -8.84 0.93
CA ALA A 272 17.87 -10.06 1.19
C ALA A 272 17.06 -11.27 0.72
N LEU A 273 17.75 -12.21 0.06
CA LEU A 273 17.07 -13.40 -0.45
C LEU A 273 16.51 -14.25 0.69
N ARG A 274 17.28 -14.44 1.75
CA ARG A 274 16.78 -15.23 2.89
C ARG A 274 15.89 -14.35 3.76
N PRO A 275 14.62 -14.72 3.99
CA PRO A 275 13.73 -13.83 4.77
C PRO A 275 14.29 -13.45 6.12
N SER A 276 14.93 -14.40 6.84
CA SER A 276 15.47 -14.09 8.16
C SER A 276 16.63 -13.10 8.12
N ASP A 277 17.20 -12.82 6.94
CA ASP A 277 18.24 -11.81 6.80
C ASP A 277 17.71 -10.40 6.62
N ARG A 278 16.40 -10.22 6.46
CA ARG A 278 15.84 -8.90 6.23
C ARG A 278 15.70 -8.15 7.56
N PRO A 279 15.74 -6.82 7.52
CA PRO A 279 15.60 -6.05 8.76
C PRO A 279 14.18 -6.12 9.29
N THR A 280 14.05 -5.95 10.60
CA THR A 280 12.73 -5.66 11.15
C THR A 280 12.34 -4.21 10.84
N PHE A 281 11.07 -3.88 11.12
CA PHE A 281 10.66 -2.48 10.94
C PHE A 281 11.48 -1.55 11.82
N GLU A 282 11.77 -1.98 13.06
CA GLU A 282 12.62 -1.18 13.95
C GLU A 282 13.99 -0.92 13.33
N GLU A 283 14.59 -1.96 12.75
CA GLU A 283 15.90 -1.80 12.14
C GLU A 283 15.84 -0.91 10.91
N ILE A 284 14.74 -0.96 10.16
CA ILE A 284 14.60 -0.04 9.03
C ILE A 284 14.56 1.40 9.53
N GLN A 285 13.71 1.67 10.52
CA GLN A 285 13.57 3.06 10.92
C GLN A 285 14.75 3.57 11.75
N ASN A 286 15.57 2.69 12.31
CA ASN A 286 16.81 3.10 12.95
C ASN A 286 17.98 3.15 11.97
N HIS A 287 17.74 2.80 10.70
CA HIS A 287 18.84 2.80 9.74
C HIS A 287 19.38 4.21 9.55
N PRO A 288 20.70 4.38 9.37
CA PRO A 288 21.26 5.73 9.19
C PRO A 288 20.61 6.53 8.07
N TRP A 289 20.22 5.88 6.98
CA TRP A 289 19.58 6.62 5.89
C TRP A 289 18.25 7.22 6.30
N MET A 290 17.61 6.70 7.34
CA MET A 290 16.26 7.14 7.70
C MET A 290 16.24 8.30 8.70
N GLN A 291 17.38 8.81 9.12
N GLN A 291 17.42 8.80 9.08
CA GLN A 291 17.36 9.79 10.19
CA GLN A 291 17.55 9.88 10.06
C GLN A 291 17.15 11.19 9.65
C GLN A 291 16.97 11.19 9.55
N ASP A 292 16.56 12.05 10.49
CA ASP A 292 16.23 13.45 10.19
C ASP A 292 15.16 13.57 9.11
N VAL A 293 14.09 12.80 9.25
CA VAL A 293 13.01 12.85 8.26
C VAL A 293 12.32 14.20 8.33
N LEU A 294 11.87 14.69 7.16
CA LEU A 294 11.00 15.85 7.12
C LEU A 294 9.63 15.54 7.71
N LEU A 295 9.01 16.56 8.30
CA LEU A 295 7.61 16.49 8.69
C LEU A 295 6.73 16.50 7.44
N PRO A 296 5.52 15.93 7.51
CA PRO A 296 4.62 15.98 6.34
C PRO A 296 4.40 17.37 5.80
N GLN A 297 4.14 18.35 6.67
CA GLN A 297 3.90 19.71 6.18
C GLN A 297 5.12 20.28 5.48
N GLU A 298 6.30 20.07 6.07
CA GLU A 298 7.54 20.49 5.40
C GLU A 298 7.68 19.81 4.05
N THR A 299 7.34 18.51 3.99
CA THR A 299 7.44 17.77 2.74
C THR A 299 6.58 18.42 1.65
N ALA A 300 5.35 18.80 2.00
CA ALA A 300 4.47 19.44 1.02
C ALA A 300 5.04 20.79 0.59
N GLU A 301 5.55 21.60 1.52
CA GLU A 301 6.00 22.95 1.17
C GLU A 301 7.26 22.92 0.33
N ILE A 302 8.17 21.98 0.59
CA ILE A 302 9.41 21.90 -0.17
C ILE A 302 9.20 21.20 -1.51
N HIS A 303 8.44 20.11 -1.53
CA HIS A 303 8.43 19.20 -2.67
C HIS A 303 7.11 19.11 -3.42
N LEU A 304 6.00 19.53 -2.82
CA LEU A 304 4.68 19.34 -3.44
C LEU A 304 3.97 20.63 -3.79
N HIS A 305 4.11 21.68 -2.98
CA HIS A 305 3.45 22.95 -3.24
C HIS A 305 4.14 23.69 -4.38
N ARG B 2 12.90 2.88 -21.03
CA ARG B 2 12.19 1.61 -21.00
C ARG B 2 10.80 1.77 -20.38
N LYS B 3 9.93 0.80 -20.62
CA LYS B 3 8.52 0.95 -20.29
C LYS B 3 8.29 0.73 -18.80
N ARG B 4 7.85 1.78 -18.13
CA ARG B 4 7.31 1.65 -16.77
C ARG B 4 5.82 1.38 -16.88
N ARG B 5 5.31 0.47 -16.05
CA ARG B 5 3.91 0.11 -16.19
C ARG B 5 3.34 -0.28 -14.83
N ARG B 6 2.02 -0.18 -14.72
CA ARG B 6 1.35 -0.74 -13.56
C ARG B 6 1.32 -2.26 -13.65
N HIS B 7 1.03 -2.90 -12.53
CA HIS B 7 0.94 -4.36 -12.48
C HIS B 7 -0.31 -4.73 -11.71
N PRO B 8 -1.25 -5.46 -12.31
CA PRO B 8 -2.48 -5.80 -11.60
C PRO B 8 -2.21 -6.80 -10.50
N SER B 9 -3.06 -6.76 -9.48
CA SER B 9 -2.99 -7.75 -8.42
C SER B 9 -3.54 -9.08 -8.91
N GLY B 10 -2.89 -10.16 -8.51
CA GLY B 10 -3.26 -11.50 -8.95
C GLY B 10 -2.48 -11.98 -10.16
C4 8MW C . -8.88 6.27 -5.54
C5 8MW C . -9.07 4.57 -4.06
C6 8MW C . -9.16 2.29 -3.10
N1 8MW C . -9.01 5.90 -4.25
C7 8MW C . -9.22 1.11 -2.14
C8 8MW C . -8.80 7.73 -5.84
C9 8MW C . -7.96 8.61 -4.96
C10 8MW C . -9.42 8.70 -4.88
C11 8MW C . -8.83 3.26 -7.59
O1 8MW C . -9.07 1.42 -0.94
O 8MW C . -9.42 -0.05 -2.59
C1 8MW C . -9.03 2.26 -4.47
C 8MW C . -8.87 0.98 -5.26
S 8MW C . -9.22 3.90 -2.46
C2 8MW C . -8.98 3.58 -5.04
N 8MW C . -8.82 5.43 -6.58
C3 8MW C . -8.88 4.11 -6.35
C1 GOL D . -5.51 2.14 -6.86
O1 GOL D . -5.63 0.98 -7.65
C2 GOL D . -5.00 3.30 -7.72
O2 GOL D . -3.68 3.08 -8.19
C3 GOL D . -5.13 4.62 -6.96
O3 GOL D . -4.86 5.70 -7.85
#